data_7VCO
#
_entry.id   7VCO
#
_cell.length_a   66.402
_cell.length_b   66.402
_cell.length_c   465.263
_cell.angle_alpha   90.00
_cell.angle_beta   90.00
_cell.angle_gamma   120.00
#
_symmetry.space_group_name_H-M   'P 61 2 2'
#
loop_
_entity.id
_entity.type
_entity.pdbx_description
1 polymer 'Sucrose-6-phosphate hydrolase'
2 non-polymer DI(HYDROXYETHYL)ETHER
3 non-polymer 'TRIETHYLENE GLYCOL'
4 water water
#
_entity_poly.entity_id   1
_entity_poly.type   'polypeptide(L)'
_entity_poly.pdbx_seq_one_letter_code
;GSMKNLIAEANQAVEQFAGQVKARYYPAYHIAAKSGWINDPNGLIYFNNQYHVFFQHHPYNEQWGKIHWGHVVSDDLVHW
RNLPIALAPSQEYDKDGCFSGCAIDDNGVLTLIYTGHVVLKEAGDKSVFKQVQCLATSKDGIHFEKQGVIVTPPEGIMHF
RDPKVWRQDDQWYMVVGVNDHDNTGQVWLYHSQDLYHWQFVQVLAKMADPNVYMLECPDFFPLGDKYVLTCSPQGMKANG
YHYRNRYQSGYIVGDWQPGSAFTITQDFTELDFGHDYYAPQTLISHDQRRIVIAWMDMWDSVMPSQADKWAGVLTLPRTL
MLSSNNKLLINPITELKSLRGIQKKITSINLSNAIQDLQLDSMQCELILKIDLTNSDAERAGIALSASPDGKQSTLLYVD
NQAQRVILDRTYSGEGMVGYRSVALPADKFLTLHIFIDHSSVEVFVNEGQATLTSRIYPTSEKRTLFLFAENGALRVEQL
DYWQIKNMRG
;
_entity_poly.pdbx_strand_id   A
#
loop_
_chem_comp.id
_chem_comp.type
_chem_comp.name
_chem_comp.formula
PEG non-polymer DI(HYDROXYETHYL)ETHER 'C4 H10 O3'
PGE non-polymer 'TRIETHYLENE GLYCOL' 'C6 H14 O4'
#
# COMPACT_ATOMS: atom_id res chain seq x y z
N GLY A 1 11.14 30.74 -5.14
CA GLY A 1 12.30 30.02 -5.78
C GLY A 1 12.95 29.02 -4.82
N SER A 2 13.18 29.43 -3.57
CA SER A 2 13.75 28.59 -2.47
C SER A 2 12.76 27.46 -2.14
N MET A 3 13.24 26.32 -1.66
CA MET A 3 12.32 25.20 -1.30
C MET A 3 11.40 25.67 -0.17
N LYS A 4 11.91 26.44 0.79
CA LYS A 4 11.08 26.99 1.89
C LYS A 4 9.86 27.72 1.28
N ASN A 5 10.03 28.51 0.22
CA ASN A 5 8.90 29.28 -0.37
C ASN A 5 8.00 28.38 -1.22
N LEU A 6 8.59 27.46 -1.96
CA LEU A 6 7.85 26.42 -2.73
C LEU A 6 7.02 25.55 -1.79
N ILE A 7 7.51 25.22 -0.59
CA ILE A 7 6.71 24.38 0.35
C ILE A 7 5.55 25.22 0.89
N ALA A 8 5.82 26.47 1.26
CA ALA A 8 4.75 27.36 1.74
C ALA A 8 3.64 27.48 0.69
N GLU A 9 4.02 27.60 -0.59
CA GLU A 9 3.06 27.80 -1.69
C GLU A 9 2.21 26.52 -1.82
N ALA A 10 2.89 25.37 -1.72
CA ALA A 10 2.27 24.04 -1.86
C ALA A 10 1.32 23.79 -0.68
N ASN A 11 1.75 24.11 0.55
CA ASN A 11 0.90 23.97 1.75
C ASN A 11 -0.35 24.85 1.60
N GLN A 12 -0.19 26.06 1.05
CA GLN A 12 -1.33 27.00 0.91
C GLN A 12 -2.34 26.44 -0.09
N ALA A 13 -1.91 25.79 -1.18
CA ALA A 13 -2.84 25.16 -2.15
C ALA A 13 -3.61 24.01 -1.45
N VAL A 14 -2.93 23.20 -0.65
CA VAL A 14 -3.58 22.04 0.02
C VAL A 14 -4.65 22.59 0.97
N GLU A 15 -4.31 23.60 1.75
CA GLU A 15 -5.21 24.23 2.74
C GLU A 15 -6.42 24.85 2.02
N GLN A 16 -6.19 25.44 0.85
CA GLN A 16 -7.16 26.17 0.01
C GLN A 16 -8.28 25.21 -0.45
N PHE A 17 -7.95 23.99 -0.89
CA PHE A 17 -8.90 23.01 -1.47
C PHE A 17 -9.39 21.99 -0.41
N ALA A 18 -8.76 21.94 0.77
CA ALA A 18 -9.15 21.08 1.91
C ALA A 18 -10.64 21.25 2.24
N GLY A 19 -11.14 22.50 2.21
CA GLY A 19 -12.54 22.83 2.52
C GLY A 19 -13.52 22.28 1.48
N GLN A 20 -13.06 21.96 0.26
CA GLN A 20 -13.91 21.41 -0.83
C GLN A 20 -13.97 19.88 -0.82
N VAL A 21 -13.20 19.22 0.05
CA VAL A 21 -13.14 17.73 0.13
C VAL A 21 -14.43 17.19 0.78
N LYS A 22 -15.19 16.39 0.04
CA LYS A 22 -16.42 15.72 0.54
C LYS A 22 -16.04 14.46 1.33
N ALA A 23 -16.81 14.16 2.38
CA ALA A 23 -16.66 13.02 3.31
C ALA A 23 -16.93 11.67 2.60
N ARG A 24 -17.79 11.63 1.59
CA ARG A 24 -18.35 10.36 1.03
C ARG A 24 -17.25 9.30 0.82
N TYR A 25 -16.10 9.67 0.27
CA TYR A 25 -15.00 8.73 -0.11
C TYR A 25 -13.74 8.94 0.73
N TYR A 26 -13.69 10.02 1.50
CA TYR A 26 -12.49 10.39 2.28
C TYR A 26 -12.33 9.44 3.45
N PRO A 27 -11.13 8.82 3.61
CA PRO A 27 -10.96 7.77 4.61
C PRO A 27 -10.96 8.31 6.05
N ALA A 28 -11.75 7.69 6.92
CA ALA A 28 -11.82 8.02 8.35
C ALA A 28 -10.58 7.54 9.10
N TYR A 29 -9.98 6.41 8.70
CA TYR A 29 -8.84 5.84 9.45
C TYR A 29 -7.73 5.30 8.54
N HIS A 30 -7.58 5.85 7.34
CA HIS A 30 -6.42 5.66 6.46
C HIS A 30 -5.82 7.02 6.11
N ILE A 31 -4.54 6.98 5.79
CA ILE A 31 -3.75 8.17 5.41
C ILE A 31 -4.17 8.67 4.03
N ALA A 32 -4.48 9.96 3.97
CA ALA A 32 -4.71 10.75 2.76
C ALA A 32 -4.14 12.14 3.03
N ALA A 33 -3.81 12.88 1.98
CA ALA A 33 -3.52 14.33 2.11
C ALA A 33 -4.79 15.05 2.56
N LYS A 34 -4.66 16.27 3.09
CA LYS A 34 -5.87 17.07 3.38
C LYS A 34 -6.65 17.39 2.10
N SER A 35 -5.93 17.61 1.00
CA SER A 35 -6.50 17.72 -0.37
C SER A 35 -5.44 17.35 -1.40
N GLY A 36 -5.82 17.22 -2.66
CA GLY A 36 -4.88 16.91 -3.74
C GLY A 36 -4.57 15.43 -3.81
N TRP A 37 -3.54 15.10 -4.59
CA TRP A 37 -3.21 13.72 -5.03
C TRP A 37 -2.07 13.15 -4.20
N ILE A 38 -2.16 11.89 -3.80
CA ILE A 38 -1.00 11.15 -3.26
C ILE A 38 -0.88 9.81 -3.98
N ASN A 39 0.34 9.28 -4.01
CA ASN A 39 0.59 7.88 -4.41
C ASN A 39 1.54 7.24 -3.40
N ASP A 40 2.66 6.68 -3.87
CA ASP A 40 3.48 5.69 -3.14
C ASP A 40 3.93 6.20 -1.76
N PRO A 41 3.86 5.38 -0.70
CA PRO A 41 4.39 5.79 0.60
C PRO A 41 5.91 5.78 0.58
N ASN A 42 6.51 6.72 1.32
CA ASN A 42 7.98 7.00 1.26
C ASN A 42 8.48 7.29 2.67
N GLY A 43 9.76 7.03 2.90
CA GLY A 43 10.47 7.47 4.12
C GLY A 43 9.88 6.92 5.40
N LEU A 44 9.31 5.70 5.38
CA LEU A 44 8.76 5.04 6.60
C LEU A 44 9.88 4.89 7.63
N ILE A 45 9.64 5.34 8.84
CA ILE A 45 10.67 5.22 9.91
C ILE A 45 10.02 5.49 11.27
N TYR A 46 10.50 4.74 12.25
CA TYR A 46 10.32 5.02 13.70
C TYR A 46 11.53 5.84 14.14
N PHE A 47 11.31 7.13 14.41
CA PHE A 47 12.39 8.12 14.70
C PHE A 47 11.93 9.05 15.82
N ASN A 48 12.78 9.17 16.86
CA ASN A 48 12.50 10.07 18.01
C ASN A 48 11.07 9.80 18.55
N ASN A 49 10.74 8.53 18.82
CA ASN A 49 9.54 8.08 19.54
C ASN A 49 8.26 8.29 18.71
N GLN A 50 8.39 8.44 17.39
CA GLN A 50 7.24 8.70 16.51
C GLN A 50 7.37 7.88 15.24
N TYR A 51 6.23 7.54 14.68
CA TYR A 51 6.14 6.91 13.34
C TYR A 51 5.93 7.97 12.26
N HIS A 52 6.85 8.03 11.31
CA HIS A 52 6.77 8.95 10.15
C HIS A 52 6.41 8.15 8.91
N VAL A 53 5.42 8.63 8.18
CA VAL A 53 5.11 8.19 6.80
C VAL A 53 5.11 9.44 5.90
N PHE A 54 5.85 9.38 4.81
CA PHE A 54 5.83 10.39 3.74
C PHE A 54 5.13 9.76 2.54
N PHE A 55 4.76 10.55 1.55
CA PHE A 55 4.19 9.92 0.34
C PHE A 55 4.38 10.89 -0.82
N GLN A 56 4.48 10.31 -2.01
CA GLN A 56 4.42 11.03 -3.30
C GLN A 56 3.14 11.86 -3.30
N HIS A 57 3.21 13.17 -3.58
CA HIS A 57 2.09 14.11 -3.34
C HIS A 57 2.10 15.18 -4.42
N HIS A 58 0.97 15.38 -5.10
CA HIS A 58 0.78 16.59 -5.94
C HIS A 58 -0.15 17.52 -5.19
N PRO A 59 0.39 18.64 -4.65
CA PRO A 59 -0.41 19.54 -3.81
C PRO A 59 -1.42 20.43 -4.56
N TYR A 60 -1.23 20.66 -5.86
CA TYR A 60 -1.90 21.77 -6.58
C TYR A 60 -3.27 21.33 -7.15
N ASN A 61 -3.46 20.03 -7.35
CA ASN A 61 -4.77 19.46 -7.76
C ASN A 61 -4.82 17.96 -7.41
N GLU A 62 -5.91 17.33 -7.80
CA GLU A 62 -6.27 15.94 -7.44
C GLU A 62 -5.72 14.96 -8.48
N GLN A 63 -4.87 15.41 -9.39
CA GLN A 63 -4.20 14.55 -10.39
C GLN A 63 -2.69 14.47 -10.12
N TRP A 64 -2.05 13.50 -10.72
CA TRP A 64 -0.58 13.39 -10.60
C TRP A 64 0.03 14.65 -11.22
N GLY A 65 1.08 15.20 -10.61
CA GLY A 65 1.85 16.34 -11.18
C GLY A 65 3.03 16.65 -10.28
N LYS A 66 3.77 17.74 -10.53
CA LYS A 66 5.06 18.06 -9.85
C LYS A 66 5.12 17.38 -8.47
N ILE A 67 5.91 16.33 -8.30
CA ILE A 67 5.77 15.51 -7.06
C ILE A 67 6.56 16.14 -5.90
N HIS A 68 5.85 16.30 -4.79
CA HIS A 68 6.32 16.68 -3.45
C HIS A 68 6.33 15.44 -2.54
N TRP A 69 6.97 15.52 -1.39
CA TRP A 69 6.74 14.58 -0.28
C TRP A 69 5.76 15.19 0.71
N GLY A 70 4.55 14.61 0.80
CA GLY A 70 3.64 14.81 1.93
C GLY A 70 4.15 14.07 3.15
N HIS A 71 3.57 14.30 4.31
CA HIS A 71 4.11 13.81 5.59
C HIS A 71 2.99 13.72 6.60
N VAL A 72 2.87 12.58 7.27
CA VAL A 72 2.02 12.38 8.46
C VAL A 72 2.86 11.76 9.57
N VAL A 73 2.38 11.90 10.79
CA VAL A 73 3.06 11.30 11.97
C VAL A 73 2.02 10.67 12.88
N SER A 74 2.46 9.67 13.64
CA SER A 74 1.63 9.05 14.69
C SER A 74 2.54 8.56 15.80
N ASP A 75 1.98 8.46 16.99
CA ASP A 75 2.68 7.83 18.13
C ASP A 75 2.54 6.31 18.05
N ASP A 76 1.52 5.79 17.32
CA ASP A 76 0.97 4.43 17.56
C ASP A 76 0.63 3.69 16.25
N LEU A 77 1.15 4.17 15.13
CA LEU A 77 0.87 3.64 13.76
C LEU A 77 -0.63 3.72 13.44
N VAL A 78 -1.43 4.53 14.15
CA VAL A 78 -2.91 4.55 13.95
C VAL A 78 -3.44 6.00 13.91
N HIS A 79 -3.13 6.82 14.90
CA HIS A 79 -3.70 8.19 14.98
C HIS A 79 -2.80 9.12 14.18
N TRP A 80 -2.92 9.06 12.86
CA TRP A 80 -2.04 9.79 11.92
C TRP A 80 -2.52 11.24 11.86
N ARG A 81 -1.56 12.13 12.02
CA ARG A 81 -1.74 13.61 11.99
CA ARG A 81 -1.79 13.59 11.96
C ARG A 81 -1.11 14.18 10.72
N ASN A 82 -1.84 15.02 9.98
CA ASN A 82 -1.28 15.70 8.79
C ASN A 82 -0.23 16.72 9.23
N LEU A 83 0.92 16.71 8.57
CA LEU A 83 2.03 17.67 8.76
C LEU A 83 2.22 18.48 7.48
N PRO A 84 2.98 19.59 7.56
CA PRO A 84 3.36 20.33 6.38
C PRO A 84 4.16 19.44 5.44
N ILE A 85 4.09 19.77 4.16
CA ILE A 85 4.92 19.11 3.13
C ILE A 85 6.41 19.19 3.52
N ALA A 86 7.16 18.10 3.26
CA ALA A 86 8.59 17.91 3.61
C ALA A 86 9.51 18.31 2.44
N LEU A 87 9.19 17.91 1.21
CA LEU A 87 10.10 18.20 0.09
C LEU A 87 9.27 18.74 -1.06
N ALA A 88 9.78 19.76 -1.72
CA ALA A 88 9.24 20.28 -2.98
C ALA A 88 10.35 20.24 -4.01
N PRO A 89 10.04 19.92 -5.28
CA PRO A 89 11.02 20.01 -6.36
C PRO A 89 11.64 21.41 -6.34
N SER A 90 12.97 21.57 -6.47
CA SER A 90 13.58 22.92 -6.27
C SER A 90 14.97 23.06 -6.90
N GLN A 91 15.50 22.03 -7.56
CA GLN A 91 16.90 21.95 -8.03
C GLN A 91 16.89 21.31 -9.41
N GLU A 92 17.99 21.38 -10.17
CA GLU A 92 18.05 20.77 -11.53
C GLU A 92 17.85 19.27 -11.36
N TYR A 93 18.41 18.70 -10.29
CA TYR A 93 18.41 17.23 -10.10
C TYR A 93 17.02 16.73 -9.67
N ASP A 94 16.10 17.58 -9.19
CA ASP A 94 14.74 17.10 -8.79
C ASP A 94 13.62 18.02 -9.30
N LYS A 95 13.86 18.79 -10.37
CA LYS A 95 12.96 19.88 -10.86
C LYS A 95 11.55 19.35 -11.14
N ASP A 96 11.46 18.13 -11.67
CA ASP A 96 10.17 17.52 -12.11
C ASP A 96 9.68 16.49 -11.10
N GLY A 97 10.25 16.44 -9.91
CA GLY A 97 9.69 15.60 -8.84
C GLY A 97 10.71 15.14 -7.82
N CYS A 98 10.31 15.18 -6.57
CA CYS A 98 10.99 14.45 -5.49
C CYS A 98 10.35 13.05 -5.44
N PHE A 99 10.83 12.14 -6.27
CA PHE A 99 10.22 10.79 -6.41
C PHE A 99 10.58 9.96 -5.20
N SER A 100 10.34 8.64 -5.24
CA SER A 100 10.23 7.83 -4.01
C SER A 100 11.58 7.69 -3.31
N GLY A 101 11.50 7.26 -2.07
CA GLY A 101 12.67 7.16 -1.21
C GLY A 101 12.32 6.66 0.17
N CYS A 102 13.33 6.76 1.03
CA CYS A 102 13.35 6.15 2.36
C CYS A 102 13.84 7.21 3.35
N ALA A 103 13.86 6.81 4.60
CA ALA A 103 14.41 7.64 5.68
C ALA A 103 15.31 6.76 6.55
N ILE A 104 16.37 7.35 7.09
CA ILE A 104 17.30 6.66 8.03
C ILE A 104 17.63 7.66 9.14
N ASP A 105 18.16 7.10 10.22
CA ASP A 105 18.68 7.87 11.38
C ASP A 105 20.20 7.92 11.22
N ASP A 106 20.75 9.05 10.78
CA ASP A 106 22.21 9.26 10.57
C ASP A 106 22.74 9.93 11.84
N ASN A 107 22.96 9.15 12.88
CA ASN A 107 23.60 9.63 14.15
C ASN A 107 22.75 10.78 14.71
N GLY A 108 21.43 10.58 14.81
CA GLY A 108 20.47 11.52 15.42
C GLY A 108 19.82 12.47 14.42
N VAL A 109 20.31 12.49 13.16
CA VAL A 109 19.81 13.40 12.08
C VAL A 109 18.91 12.55 11.16
N LEU A 110 17.63 12.87 11.14
CA LEU A 110 16.65 12.25 10.23
C LEU A 110 17.07 12.62 8.80
N THR A 111 17.32 11.60 7.98
CA THR A 111 17.91 11.78 6.65
C THR A 111 16.98 11.13 5.64
N LEU A 112 16.61 11.86 4.59
CA LEU A 112 15.77 11.29 3.48
C LEU A 112 16.70 11.03 2.31
N ILE A 113 16.54 9.90 1.64
CA ILE A 113 17.27 9.57 0.39
C ILE A 113 16.19 9.22 -0.60
N TYR A 114 16.10 10.03 -1.64
CA TYR A 114 15.00 10.01 -2.61
C TYR A 114 15.58 10.15 -4.01
N THR A 115 14.82 9.67 -4.99
CA THR A 115 15.09 9.91 -6.41
C THR A 115 14.67 11.33 -6.80
N GLY A 116 15.63 12.08 -7.37
CA GLY A 116 15.35 13.32 -8.08
C GLY A 116 15.09 13.02 -9.53
N HIS A 117 13.98 13.55 -10.04
CA HIS A 117 13.47 13.28 -11.41
C HIS A 117 13.52 14.59 -12.19
N VAL A 118 14.09 14.57 -13.39
CA VAL A 118 14.00 15.79 -14.26
C VAL A 118 13.76 15.36 -15.70
N VAL A 119 12.79 15.97 -16.36
CA VAL A 119 12.46 15.59 -17.77
C VAL A 119 13.47 16.27 -18.68
N LEU A 120 14.17 15.51 -19.54
CA LEU A 120 15.21 16.07 -20.46
C LEU A 120 14.59 16.29 -21.85
N LYS A 121 13.56 15.53 -22.19
CA LYS A 121 12.85 15.64 -23.50
C LYS A 121 11.44 15.08 -23.30
N GLU A 122 10.42 15.88 -23.55
CA GLU A 122 8.99 15.47 -23.42
C GLU A 122 8.57 14.74 -24.70
N ALA A 123 8.32 13.43 -24.62
CA ALA A 123 7.69 12.60 -25.68
C ALA A 123 6.73 11.59 -25.05
N GLY A 124 5.83 12.06 -24.17
CA GLY A 124 4.81 11.27 -23.46
C GLY A 124 5.39 10.09 -22.71
N ASP A 125 5.15 8.87 -23.22
CA ASP A 125 5.72 7.59 -22.73
C ASP A 125 7.10 7.37 -23.37
N LYS A 126 7.44 8.13 -24.42
CA LYS A 126 8.77 8.11 -25.08
C LYS A 126 9.71 9.18 -24.47
N SER A 127 9.36 9.75 -23.32
CA SER A 127 10.13 10.86 -22.70
C SER A 127 11.51 10.35 -22.27
N VAL A 128 12.54 11.20 -22.36
CA VAL A 128 13.89 10.94 -21.77
C VAL A 128 13.96 11.75 -20.47
N PHE A 129 14.46 11.14 -19.42
CA PHE A 129 14.56 11.83 -18.11
C PHE A 129 15.84 11.41 -17.43
N LYS A 130 16.16 12.11 -16.36
CA LYS A 130 17.32 11.80 -15.51
C LYS A 130 16.81 11.49 -14.10
N GLN A 131 17.21 10.34 -13.58
CA GLN A 131 16.90 9.90 -12.19
C GLN A 131 18.21 9.61 -11.48
N VAL A 132 18.45 10.27 -10.36
CA VAL A 132 19.66 10.11 -9.52
C VAL A 132 19.16 10.08 -8.07
N GLN A 133 19.95 9.55 -7.14
CA GLN A 133 19.57 9.46 -5.72
C GLN A 133 20.17 10.71 -5.07
N CYS A 134 19.34 11.33 -4.22
CA CYS A 134 19.59 12.63 -3.58
C CYS A 134 19.43 12.46 -2.08
N LEU A 135 19.98 13.39 -1.30
CA LEU A 135 19.87 13.31 0.17
C LEU A 135 19.37 14.63 0.77
N ALA A 136 18.53 14.54 1.78
CA ALA A 136 18.04 15.69 2.57
C ALA A 136 18.11 15.36 4.06
N THR A 137 18.26 16.40 4.90
CA THR A 137 18.35 16.21 6.37
C THR A 137 17.32 17.07 7.08
N SER A 138 17.05 16.76 8.32
CA SER A 138 16.18 17.58 9.17
C SER A 138 16.75 17.57 10.58
N LYS A 139 16.70 18.73 11.23
CA LYS A 139 17.05 18.86 12.66
C LYS A 139 15.78 18.79 13.52
N ASP A 140 14.60 19.01 12.95
CA ASP A 140 13.36 19.14 13.77
C ASP A 140 12.30 18.09 13.37
N GLY A 141 12.51 17.34 12.30
CA GLY A 141 11.50 16.35 11.86
C GLY A 141 10.46 16.94 10.92
N ILE A 142 10.47 18.26 10.69
CA ILE A 142 9.40 18.97 9.93
C ILE A 142 9.99 19.65 8.70
N HIS A 143 11.10 20.37 8.89
CA HIS A 143 11.78 21.15 7.84
C HIS A 143 13.02 20.40 7.38
N PHE A 144 13.20 20.28 6.07
CA PHE A 144 14.27 19.47 5.46
C PHE A 144 15.13 20.37 4.60
N GLU A 145 16.41 20.03 4.54
CA GLU A 145 17.45 20.78 3.79
C GLU A 145 18.09 19.82 2.80
N LYS A 146 18.04 20.16 1.52
CA LYS A 146 18.63 19.31 0.45
C LYS A 146 20.15 19.36 0.54
N GLN A 147 20.80 18.22 0.40
CA GLN A 147 22.28 18.12 0.40
C GLN A 147 22.82 17.63 -0.94
N GLY A 148 21.96 17.46 -1.95
CA GLY A 148 22.31 17.26 -3.37
C GLY A 148 22.43 15.79 -3.75
N VAL A 149 23.04 15.56 -4.91
CA VAL A 149 23.09 14.21 -5.53
C VAL A 149 24.15 13.35 -4.84
N ILE A 150 23.81 12.07 -4.56
CA ILE A 150 24.68 11.06 -3.89
C ILE A 150 24.88 9.79 -4.74
N VAL A 151 24.01 9.46 -5.70
CA VAL A 151 24.23 8.29 -6.62
C VAL A 151 23.77 8.65 -8.03
N THR A 152 24.66 8.52 -9.02
CA THR A 152 24.32 8.69 -10.46
C THR A 152 24.48 7.34 -11.13
N PRO A 153 23.62 7.00 -12.11
CA PRO A 153 23.62 5.68 -12.73
C PRO A 153 24.73 5.59 -13.75
N PRO A 154 25.07 4.39 -14.27
CA PRO A 154 25.87 4.28 -15.50
C PRO A 154 25.23 4.92 -16.73
N GLU A 155 26.07 5.25 -17.71
CA GLU A 155 25.62 5.80 -19.01
C GLU A 155 24.68 4.76 -19.63
N GLY A 156 23.60 5.24 -20.27
CA GLY A 156 22.60 4.37 -20.91
C GLY A 156 21.55 3.85 -19.92
N ILE A 157 21.77 3.98 -18.60
CA ILE A 157 20.75 3.60 -17.56
C ILE A 157 19.93 4.84 -17.23
N MET A 158 18.61 4.76 -17.46
CA MET A 158 17.68 5.91 -17.31
C MET A 158 16.78 5.66 -16.09
N HIS A 159 15.97 4.60 -16.12
CA HIS A 159 15.13 4.19 -14.96
C HIS A 159 16.06 3.70 -13.84
N PHE A 160 16.12 4.44 -12.73
CA PHE A 160 17.15 4.24 -11.69
C PHE A 160 16.65 4.92 -10.42
N ARG A 161 15.89 4.22 -9.58
CA ARG A 161 15.00 4.94 -8.63
C ARG A 161 14.53 4.10 -7.45
N ASP A 162 13.98 4.84 -6.49
CA ASP A 162 13.28 4.28 -5.32
C ASP A 162 14.29 3.67 -4.36
N PRO A 163 15.29 4.46 -3.88
CA PRO A 163 16.24 3.94 -2.92
C PRO A 163 15.63 3.53 -1.58
N LYS A 164 16.11 2.40 -1.07
CA LYS A 164 15.81 1.92 0.30
C LYS A 164 17.14 1.58 0.95
N VAL A 165 17.43 2.27 2.05
CA VAL A 165 18.79 2.26 2.68
C VAL A 165 18.66 1.72 4.09
N TRP A 166 19.63 0.91 4.48
CA TRP A 166 19.67 0.35 5.84
C TRP A 166 21.13 0.22 6.28
N ARG A 167 21.32 0.26 7.60
CA ARG A 167 22.62 0.12 8.26
C ARG A 167 22.90 -1.36 8.51
N GLN A 168 24.11 -1.82 8.22
CA GLN A 168 24.54 -3.21 8.54
C GLN A 168 26.06 -3.25 8.62
N ASP A 169 26.64 -3.85 9.66
CA ASP A 169 28.12 -4.01 9.75
C ASP A 169 28.78 -2.63 9.65
N ASP A 170 28.44 -1.70 10.54
CA ASP A 170 28.87 -0.27 10.51
C ASP A 170 29.19 0.12 9.06
N GLN A 171 28.18 -0.03 8.19
CA GLN A 171 28.20 0.34 6.75
C GLN A 171 26.73 0.60 6.36
N TRP A 172 26.49 1.24 5.23
CA TRP A 172 25.12 1.41 4.67
C TRP A 172 25.00 0.66 3.35
N TYR A 173 23.82 0.10 3.14
CA TYR A 173 23.42 -0.54 1.86
C TYR A 173 22.23 0.20 1.26
N MET A 174 22.14 0.18 -0.06
CA MET A 174 21.02 0.82 -0.79
C MET A 174 20.54 -0.19 -1.82
N VAL A 175 19.22 -0.35 -1.96
CA VAL A 175 18.65 -1.01 -3.15
C VAL A 175 17.90 0.02 -3.99
N VAL A 176 18.05 -0.08 -5.30
CA VAL A 176 17.26 0.72 -6.25
C VAL A 176 16.70 -0.21 -7.31
N GLY A 177 15.63 0.25 -7.94
CA GLY A 177 15.14 -0.45 -9.13
C GLY A 177 15.68 0.17 -10.41
N VAL A 178 15.92 -0.68 -11.40
CA VAL A 178 16.64 -0.30 -12.64
C VAL A 178 16.01 -1.01 -13.83
N ASN A 179 15.98 -0.31 -14.95
CA ASN A 179 15.74 -0.91 -16.29
C ASN A 179 17.12 -1.01 -16.95
N ASP A 180 17.62 -2.22 -17.15
CA ASP A 180 18.99 -2.48 -17.66
C ASP A 180 19.05 -2.23 -19.18
N HIS A 181 20.26 -2.29 -19.74
CA HIS A 181 20.53 -2.05 -21.19
C HIS A 181 19.65 -2.96 -22.07
N ASP A 182 19.36 -4.18 -21.61
CA ASP A 182 18.57 -5.18 -22.40
C ASP A 182 17.07 -5.03 -22.12
N ASN A 183 16.65 -4.03 -21.34
CA ASN A 183 15.23 -3.65 -21.11
C ASN A 183 14.59 -4.58 -20.08
N THR A 184 15.40 -5.18 -19.18
CA THR A 184 14.90 -6.03 -18.07
C THR A 184 14.94 -5.24 -16.75
N GLY A 185 13.94 -5.47 -15.91
CA GLY A 185 13.87 -4.94 -14.53
C GLY A 185 14.82 -5.65 -13.60
N GLN A 186 15.59 -4.90 -12.81
CA GLN A 186 16.51 -5.47 -11.83
C GLN A 186 16.47 -4.64 -10.55
N VAL A 187 16.88 -5.26 -9.46
CA VAL A 187 17.22 -4.54 -8.20
C VAL A 187 18.75 -4.57 -8.06
N TRP A 188 19.36 -3.39 -7.96
CA TRP A 188 20.82 -3.24 -7.78
C TRP A 188 21.10 -2.86 -6.33
N LEU A 189 22.15 -3.44 -5.77
CA LEU A 189 22.59 -3.19 -4.38
C LEU A 189 23.84 -2.33 -4.45
N TYR A 190 23.87 -1.24 -3.70
CA TYR A 190 25.05 -0.34 -3.58
C TYR A 190 25.43 -0.29 -2.10
N HIS A 191 26.65 0.20 -1.79
CA HIS A 191 27.05 0.36 -0.37
C HIS A 191 27.77 1.71 -0.22
N SER A 192 27.88 2.15 1.03
CA SER A 192 28.54 3.42 1.38
C SER A 192 28.99 3.38 2.84
N GLN A 193 30.14 4.03 3.12
CA GLN A 193 30.62 4.24 4.51
C GLN A 193 30.09 5.57 5.08
N ASP A 194 29.58 6.49 4.25
CA ASP A 194 29.35 7.90 4.67
C ASP A 194 28.02 8.47 4.17
N LEU A 195 27.23 7.72 3.41
CA LEU A 195 25.94 8.15 2.80
C LEU A 195 26.14 9.06 1.60
N TYR A 196 27.36 9.48 1.28
CA TYR A 196 27.57 10.43 0.15
C TYR A 196 28.26 9.71 -1.00
N HIS A 197 29.14 8.77 -0.69
CA HIS A 197 29.96 8.08 -1.72
C HIS A 197 29.47 6.65 -1.75
N TRP A 198 28.89 6.24 -2.87
CA TRP A 198 28.29 4.90 -3.04
C TRP A 198 29.04 4.14 -4.12
N GLN A 199 29.17 2.84 -3.94
CA GLN A 199 29.76 1.91 -4.92
C GLN A 199 28.73 0.80 -5.19
N PHE A 200 28.52 0.44 -6.46
CA PHE A 200 27.70 -0.73 -6.88
C PHE A 200 28.33 -2.00 -6.30
N VAL A 201 27.51 -2.91 -5.77
CA VAL A 201 27.95 -4.19 -5.16
C VAL A 201 27.54 -5.36 -6.06
N GLN A 202 26.26 -5.46 -6.44
CA GLN A 202 25.77 -6.59 -7.26
C GLN A 202 24.37 -6.32 -7.77
N VAL A 203 24.02 -7.00 -8.86
CA VAL A 203 22.60 -7.17 -9.28
C VAL A 203 21.99 -8.09 -8.23
N LEU A 204 21.13 -7.58 -7.36
CA LEU A 204 20.58 -8.39 -6.23
C LEU A 204 19.55 -9.38 -6.77
N ALA A 205 18.69 -8.92 -7.68
CA ALA A 205 17.58 -9.74 -8.21
C ALA A 205 17.14 -9.29 -9.59
N LYS A 206 16.69 -10.27 -10.37
CA LYS A 206 16.06 -10.06 -11.70
C LYS A 206 14.96 -11.10 -11.74
N MET A 207 14.04 -11.02 -12.67
CA MET A 207 12.97 -12.04 -12.73
C MET A 207 13.16 -12.84 -14.02
N ALA A 208 12.73 -14.10 -14.02
CA ALA A 208 12.88 -15.04 -15.15
C ALA A 208 12.07 -14.57 -16.36
N ASP A 209 10.92 -13.94 -16.15
CA ASP A 209 10.05 -13.41 -17.24
C ASP A 209 10.79 -12.25 -17.89
N PRO A 210 11.27 -12.42 -19.15
CA PRO A 210 11.94 -11.34 -19.86
C PRO A 210 11.09 -10.10 -20.20
N ASN A 211 9.75 -10.14 -20.06
CA ASN A 211 8.84 -8.99 -20.34
C ASN A 211 8.76 -8.04 -19.13
N VAL A 212 9.33 -8.41 -17.98
CA VAL A 212 9.40 -7.50 -16.80
C VAL A 212 10.50 -6.49 -17.09
N TYR A 213 10.11 -5.23 -17.34
CA TYR A 213 11.03 -4.16 -17.80
C TYR A 213 11.46 -3.31 -16.60
N MET A 214 10.78 -3.40 -15.46
CA MET A 214 11.13 -2.57 -14.30
C MET A 214 10.75 -3.28 -13.00
N LEU A 215 11.53 -3.09 -11.95
CA LEU A 215 11.21 -3.50 -10.56
C LEU A 215 11.18 -2.23 -9.69
N GLU A 216 10.02 -1.62 -9.54
CA GLU A 216 9.90 -0.40 -8.69
C GLU A 216 9.95 -0.76 -7.21
N CYS A 217 10.35 0.24 -6.39
CA CYS A 217 10.09 0.23 -4.93
C CYS A 217 10.68 -0.99 -4.23
N PRO A 218 11.96 -1.36 -4.48
CA PRO A 218 12.56 -2.47 -3.76
C PRO A 218 12.74 -2.18 -2.27
N ASP A 219 12.44 -3.16 -1.43
CA ASP A 219 12.80 -3.16 0.02
C ASP A 219 13.37 -4.54 0.36
N PHE A 220 14.60 -4.58 0.88
CA PHE A 220 15.36 -5.82 1.14
C PHE A 220 15.65 -5.86 2.62
N PHE A 221 15.13 -6.87 3.32
CA PHE A 221 15.19 -6.90 4.79
C PHE A 221 15.22 -8.34 5.32
N PRO A 222 15.87 -8.55 6.48
CA PRO A 222 15.90 -9.87 7.12
C PRO A 222 14.54 -10.14 7.78
N LEU A 223 14.08 -11.38 7.70
CA LEU A 223 12.90 -11.89 8.42
C LEU A 223 13.24 -13.33 8.78
N GLY A 224 13.28 -13.64 10.07
CA GLY A 224 13.82 -14.91 10.61
C GLY A 224 15.18 -15.22 10.03
N ASP A 225 15.34 -16.42 9.46
CA ASP A 225 16.62 -16.94 8.90
C ASP A 225 16.69 -16.64 7.40
N LYS A 226 15.80 -15.78 6.89
CA LYS A 226 15.73 -15.48 5.44
C LYS A 226 15.92 -13.99 5.22
N TYR A 227 16.14 -13.64 3.96
CA TYR A 227 15.97 -12.26 3.46
C TYR A 227 14.76 -12.23 2.55
N VAL A 228 14.01 -11.13 2.63
CA VAL A 228 12.82 -10.88 1.79
C VAL A 228 13.07 -9.63 0.96
N LEU A 229 12.73 -9.72 -0.31
CA LEU A 229 12.71 -8.59 -1.24
C LEU A 229 11.26 -8.30 -1.64
N THR A 230 10.71 -7.19 -1.19
CA THR A 230 9.39 -6.72 -1.66
C THR A 230 9.70 -5.78 -2.82
N CYS A 231 8.89 -5.75 -3.86
CA CYS A 231 9.12 -4.88 -5.01
C CYS A 231 7.85 -4.83 -5.84
N SER A 232 7.84 -3.98 -6.86
CA SER A 232 6.66 -3.73 -7.71
C SER A 232 7.06 -3.90 -9.16
N PRO A 233 7.00 -5.15 -9.68
CA PRO A 233 7.30 -5.38 -11.08
C PRO A 233 6.32 -4.75 -12.06
N GLN A 234 6.83 -4.31 -13.22
CA GLN A 234 6.04 -3.77 -14.34
C GLN A 234 6.38 -4.61 -15.57
N GLY A 235 5.33 -5.09 -16.22
CA GLY A 235 5.42 -5.88 -17.45
C GLY A 235 4.99 -7.33 -17.29
N MET A 236 4.61 -7.79 -16.09
CA MET A 236 4.08 -9.19 -15.90
C MET A 236 2.73 -9.30 -16.57
N LYS A 237 2.55 -10.29 -17.44
CA LYS A 237 1.24 -10.51 -18.09
C LYS A 237 0.27 -11.14 -17.09
N ALA A 238 -0.97 -10.61 -17.06
CA ALA A 238 -2.08 -11.24 -16.31
C ALA A 238 -2.22 -12.67 -16.82
N ASN A 239 -2.29 -13.63 -15.90
CA ASN A 239 -2.27 -15.09 -16.23
C ASN A 239 -3.24 -15.79 -15.26
N GLY A 240 -4.46 -16.09 -15.71
CA GLY A 240 -5.47 -16.72 -14.84
C GLY A 240 -5.72 -15.81 -13.66
N TYR A 241 -5.58 -16.30 -12.45
CA TYR A 241 -5.87 -15.52 -11.21
C TYR A 241 -4.65 -14.68 -10.86
N HIS A 242 -3.55 -14.81 -11.59
CA HIS A 242 -2.25 -14.16 -11.23
C HIS A 242 -2.07 -12.81 -11.92
N TYR A 243 -1.54 -11.83 -11.20
CA TYR A 243 -1.02 -10.56 -11.80
C TYR A 243 -2.14 -9.81 -12.54
N ARG A 244 -3.33 -9.70 -11.93
CA ARG A 244 -4.53 -9.08 -12.56
C ARG A 244 -4.37 -7.55 -12.65
N ASN A 245 -3.70 -6.94 -11.67
CA ASN A 245 -3.62 -5.46 -11.67
C ASN A 245 -2.70 -4.95 -12.77
N ARG A 246 -2.89 -3.69 -13.15
CA ARG A 246 -2.07 -3.01 -14.18
C ARG A 246 -0.58 -3.25 -13.86
N TYR A 247 -0.17 -3.06 -12.61
CA TYR A 247 1.20 -3.31 -12.12
C TYR A 247 1.13 -4.14 -10.84
N GLN A 248 2.21 -4.83 -10.53
CA GLN A 248 2.25 -5.86 -9.49
C GLN A 248 3.02 -5.33 -8.27
N SER A 249 2.76 -5.96 -7.14
CA SER A 249 3.50 -5.78 -5.89
C SER A 249 3.64 -7.15 -5.27
N GLY A 250 4.84 -7.51 -4.84
CA GLY A 250 5.00 -8.85 -4.24
C GLY A 250 6.35 -9.06 -3.61
N TYR A 251 6.66 -10.32 -3.28
CA TYR A 251 7.82 -10.62 -2.44
C TYR A 251 8.53 -11.86 -2.92
N ILE A 252 9.84 -11.86 -2.67
CA ILE A 252 10.76 -12.97 -2.98
C ILE A 252 11.48 -13.31 -1.68
N VAL A 253 11.52 -14.61 -1.34
CA VAL A 253 12.18 -15.08 -0.09
C VAL A 253 13.44 -15.85 -0.50
N GLY A 254 14.54 -15.60 0.19
CA GLY A 254 15.78 -16.32 -0.10
C GLY A 254 16.78 -16.18 1.01
N ASP A 255 18.02 -16.57 0.70
CA ASP A 255 19.17 -16.49 1.61
C ASP A 255 20.16 -15.46 1.04
N TRP A 256 20.66 -14.62 1.93
CA TRP A 256 21.75 -13.66 1.61
C TRP A 256 22.56 -13.38 2.86
N GLN A 257 23.85 -13.14 2.64
CA GLN A 257 24.77 -12.42 3.55
C GLN A 257 25.69 -11.58 2.69
N PRO A 258 26.18 -10.43 3.19
CA PRO A 258 27.18 -9.65 2.46
C PRO A 258 28.23 -10.61 1.86
N GLY A 259 28.54 -10.44 0.57
CA GLY A 259 29.54 -11.22 -0.18
C GLY A 259 28.92 -12.34 -0.99
N SER A 260 27.61 -12.56 -0.86
CA SER A 260 26.89 -13.68 -1.51
C SER A 260 25.79 -13.15 -2.42
N ALA A 261 25.43 -13.96 -3.42
CA ALA A 261 24.18 -13.83 -4.17
C ALA A 261 23.00 -14.01 -3.20
N PHE A 262 21.87 -13.40 -3.55
CA PHE A 262 20.54 -13.61 -2.94
C PHE A 262 19.95 -14.85 -3.62
N THR A 263 20.04 -16.02 -2.97
CA THR A 263 19.63 -17.30 -3.57
C THR A 263 18.16 -17.54 -3.19
N ILE A 264 17.29 -17.57 -4.19
CA ILE A 264 15.81 -17.54 -4.05
C ILE A 264 15.32 -18.92 -3.56
N THR A 265 14.64 -18.98 -2.42
CA THR A 265 13.96 -20.20 -1.93
C THR A 265 12.46 -20.15 -2.21
N GLN A 266 11.86 -18.96 -2.35
CA GLN A 266 10.42 -18.80 -2.73
C GLN A 266 10.33 -17.68 -3.77
N ASP A 267 9.88 -18.03 -4.97
CA ASP A 267 9.82 -17.15 -6.15
C ASP A 267 8.73 -16.10 -5.91
N PHE A 268 8.74 -15.08 -6.76
CA PHE A 268 7.86 -13.89 -6.68
C PHE A 268 6.42 -14.34 -6.39
N THR A 269 5.86 -13.76 -5.35
CA THR A 269 4.48 -13.98 -4.86
C THR A 269 3.85 -12.61 -4.66
N GLU A 270 2.63 -12.46 -5.10
CA GLU A 270 1.88 -11.20 -4.90
C GLU A 270 1.67 -10.94 -3.41
N LEU A 271 1.77 -9.69 -2.96
CA LEU A 271 1.54 -9.33 -1.54
C LEU A 271 0.05 -9.23 -1.23
N ASP A 272 -0.78 -8.97 -2.23
CA ASP A 272 -2.23 -8.74 -2.02
C ASP A 272 -2.94 -9.11 -3.31
N PHE A 273 -4.04 -9.83 -3.19
CA PHE A 273 -4.75 -10.40 -4.36
C PHE A 273 -5.94 -9.53 -4.81
N GLY A 274 -6.09 -8.35 -4.21
CA GLY A 274 -7.15 -7.40 -4.55
C GLY A 274 -6.83 -6.49 -5.71
N HIS A 275 -7.64 -5.45 -5.86
CA HIS A 275 -7.54 -4.50 -7.01
C HIS A 275 -6.53 -3.37 -6.74
N ASP A 276 -6.32 -2.97 -5.48
CA ASP A 276 -5.70 -1.67 -5.15
C ASP A 276 -4.59 -1.86 -4.13
N TYR A 277 -3.41 -2.19 -4.60
CA TYR A 277 -2.26 -2.49 -3.72
C TYR A 277 -1.01 -2.31 -4.57
N TYR A 278 -0.22 -1.26 -4.29
CA TYR A 278 0.97 -0.94 -5.11
C TYR A 278 2.02 -0.27 -4.22
N ALA A 279 3.29 -0.49 -4.54
CA ALA A 279 4.41 0.31 -3.99
C ALA A 279 4.49 0.15 -2.48
N PRO A 280 4.59 -1.09 -1.95
CA PRO A 280 4.86 -1.28 -0.54
C PRO A 280 6.23 -0.73 -0.11
N GLN A 281 6.30 -0.27 1.13
CA GLN A 281 7.57 -0.04 1.85
C GLN A 281 7.36 -0.59 3.27
N THR A 282 8.46 -0.92 3.93
CA THR A 282 8.41 -1.45 5.29
C THR A 282 9.19 -0.55 6.26
N LEU A 283 8.87 -0.75 7.52
CA LEU A 283 9.67 -0.21 8.66
C LEU A 283 9.73 -1.26 9.77
N ILE A 284 10.72 -1.07 10.65
CA ILE A 284 10.84 -1.80 11.93
C ILE A 284 10.11 -0.99 13.00
N SER A 285 9.15 -1.58 13.69
CA SER A 285 8.44 -0.88 14.80
C SER A 285 9.35 -0.83 16.03
N HIS A 286 8.91 -0.07 17.03
CA HIS A 286 9.63 0.07 18.33
C HIS A 286 9.89 -1.32 18.87
N ASP A 287 8.89 -2.21 18.84
CA ASP A 287 9.01 -3.58 19.41
C ASP A 287 9.45 -4.59 18.34
N GLN A 288 9.97 -4.16 17.19
CA GLN A 288 10.79 -4.95 16.23
C GLN A 288 9.88 -5.80 15.33
N ARG A 289 8.61 -5.46 15.24
CA ARG A 289 7.74 -5.98 14.14
C ARG A 289 8.20 -5.39 12.82
N ARG A 290 8.03 -6.15 11.74
CA ARG A 290 8.24 -5.70 10.35
C ARG A 290 6.86 -5.29 9.84
N ILE A 291 6.70 -4.02 9.48
CA ILE A 291 5.39 -3.39 9.15
C ILE A 291 5.44 -2.92 7.69
N VAL A 292 4.42 -3.25 6.88
CA VAL A 292 4.32 -2.79 5.47
C VAL A 292 3.11 -1.89 5.29
N ILE A 293 3.34 -0.78 4.61
CA ILE A 293 2.30 0.16 4.12
C ILE A 293 2.44 0.27 2.61
N ALA A 294 1.30 0.31 1.89
CA ALA A 294 1.29 0.43 0.43
C ALA A 294 0.31 1.51 -0.01
N TRP A 295 0.39 1.89 -1.27
CA TRP A 295 -0.62 2.75 -1.91
C TRP A 295 -1.87 1.90 -2.17
N MET A 296 -3.01 2.29 -1.62
CA MET A 296 -4.26 1.52 -1.74
C MET A 296 -4.96 2.04 -3.01
N ASP A 297 -4.35 1.79 -4.17
CA ASP A 297 -4.78 2.38 -5.45
C ASP A 297 -4.05 1.68 -6.57
N MET A 298 -4.39 1.99 -7.82
CA MET A 298 -3.71 1.38 -8.98
C MET A 298 -3.69 2.37 -10.15
N TRP A 299 -2.52 2.54 -10.76
CA TRP A 299 -2.37 3.34 -11.99
C TRP A 299 -3.41 2.94 -13.01
N ASP A 300 -4.00 3.94 -13.66
CA ASP A 300 -4.92 3.80 -14.81
C ASP A 300 -6.33 3.46 -14.33
N SER A 301 -6.60 3.23 -13.04
CA SER A 301 -7.97 2.97 -12.55
C SER A 301 -8.75 4.27 -12.56
N VAL A 302 -10.06 4.19 -12.80
CA VAL A 302 -11.02 5.29 -12.52
C VAL A 302 -10.92 5.64 -11.04
N MET A 303 -10.84 6.94 -10.74
CA MET A 303 -10.69 7.42 -9.35
C MET A 303 -11.80 8.45 -9.08
N PRO A 304 -13.00 7.98 -8.72
CA PRO A 304 -14.17 8.83 -8.52
C PRO A 304 -13.97 9.95 -7.49
N SER A 305 -13.04 9.82 -6.54
CA SER A 305 -12.77 10.87 -5.52
C SER A 305 -12.24 12.16 -6.18
N GLN A 306 -11.78 12.11 -7.42
CA GLN A 306 -11.14 13.28 -8.08
C GLN A 306 -12.17 14.39 -8.27
N ALA A 307 -13.45 14.05 -8.37
CA ALA A 307 -14.58 15.02 -8.37
C ALA A 307 -14.61 15.81 -7.05
N ASP A 308 -13.96 15.31 -6.00
CA ASP A 308 -14.02 15.89 -4.63
C ASP A 308 -12.69 16.55 -4.27
N LYS A 309 -11.82 16.84 -5.25
CA LYS A 309 -10.56 17.63 -5.12
C LYS A 309 -9.47 16.89 -4.31
N TRP A 310 -9.54 15.56 -4.17
CA TRP A 310 -8.44 14.77 -3.56
C TRP A 310 -8.42 13.37 -4.20
N ALA A 311 -7.28 12.70 -4.12
CA ALA A 311 -7.18 11.27 -4.50
C ALA A 311 -5.99 10.68 -3.78
N GLY A 312 -6.10 9.41 -3.46
CA GLY A 312 -4.95 8.64 -2.98
C GLY A 312 -5.13 8.30 -1.53
N VAL A 313 -5.01 7.01 -1.24
CA VAL A 313 -5.09 6.51 0.14
C VAL A 313 -4.01 5.45 0.32
N LEU A 314 -3.43 5.39 1.51
CA LEU A 314 -2.52 4.29 1.89
C LEU A 314 -3.30 3.17 2.58
N THR A 315 -2.76 1.96 2.52
CA THR A 315 -3.36 0.79 3.18
C THR A 315 -3.21 0.95 4.66
N LEU A 316 -3.91 0.10 5.40
CA LEU A 316 -3.57 -0.17 6.80
C LEU A 316 -2.12 -0.64 6.84
N PRO A 317 -1.38 -0.31 7.92
CA PRO A 317 -0.13 -0.99 8.20
C PRO A 317 -0.38 -2.45 8.60
N ARG A 318 0.51 -3.32 8.13
CA ARG A 318 0.33 -4.77 8.31
C ARG A 318 1.65 -5.36 8.80
N THR A 319 1.59 -6.35 9.68
CA THR A 319 2.78 -7.12 10.10
C THR A 319 3.14 -8.17 9.05
N LEU A 320 4.44 -8.43 8.90
CA LEU A 320 5.02 -9.48 8.05
C LEU A 320 5.72 -10.50 8.97
N MET A 321 5.35 -11.77 8.83
CA MET A 321 6.01 -12.90 9.53
C MET A 321 6.18 -14.02 8.52
N LEU A 322 7.27 -14.77 8.61
CA LEU A 322 7.48 -15.95 7.73
C LEU A 322 6.70 -17.13 8.31
N SER A 323 5.86 -17.80 7.51
CA SER A 323 5.32 -19.16 7.85
C SER A 323 6.47 -20.17 7.73
N SER A 324 6.27 -21.40 8.23
CA SER A 324 7.28 -22.48 8.19
C SER A 324 7.55 -22.91 6.73
N ASN A 325 6.67 -22.60 5.78
CA ASN A 325 6.90 -22.89 4.33
C ASN A 325 7.31 -21.58 3.62
N ASN A 326 7.74 -20.58 4.40
CA ASN A 326 8.43 -19.37 3.92
C ASN A 326 7.51 -18.59 2.98
N LYS A 327 6.24 -18.53 3.35
CA LYS A 327 5.29 -17.54 2.81
C LYS A 327 5.05 -16.53 3.93
N LEU A 328 4.65 -15.32 3.54
CA LEU A 328 4.40 -14.22 4.48
C LEU A 328 2.99 -14.37 5.02
N LEU A 329 2.90 -14.41 6.34
CA LEU A 329 1.63 -14.21 7.05
C LEU A 329 1.51 -12.71 7.29
N ILE A 330 0.42 -12.14 6.83
CA ILE A 330 0.23 -10.68 6.79
C ILE A 330 -1.02 -10.36 7.58
N ASN A 331 -0.89 -9.56 8.63
CA ASN A 331 -2.00 -9.29 9.58
C ASN A 331 -2.11 -7.80 9.84
N PRO A 332 -3.30 -7.28 10.23
CA PRO A 332 -3.43 -5.87 10.61
C PRO A 332 -2.65 -5.67 11.91
N ILE A 333 -1.96 -4.55 12.05
CA ILE A 333 -1.32 -4.19 13.34
C ILE A 333 -2.37 -4.18 14.45
N THR A 334 -1.95 -4.59 15.65
CA THR A 334 -2.87 -4.73 16.81
C THR A 334 -3.35 -3.33 17.30
N GLU A 335 -2.59 -2.25 17.04
CA GLU A 335 -2.92 -0.91 17.55
C GLU A 335 -4.24 -0.43 16.94
N LEU A 336 -4.67 -0.97 15.77
CA LEU A 336 -5.97 -0.55 15.19
C LEU A 336 -7.14 -0.81 16.16
N LYS A 337 -7.01 -1.75 17.11
CA LYS A 337 -8.10 -2.09 18.06
C LYS A 337 -8.47 -0.81 18.85
N SER A 338 -7.53 0.13 18.98
CA SER A 338 -7.74 1.39 19.73
C SER A 338 -8.84 2.24 19.07
N LEU A 339 -9.16 2.03 17.78
CA LEU A 339 -10.21 2.78 17.06
C LEU A 339 -11.60 2.15 17.27
N ARG A 340 -11.67 1.02 17.96
CA ARG A 340 -12.95 0.25 18.04
C ARG A 340 -13.93 1.00 18.94
N GLY A 341 -15.17 1.16 18.48
CA GLY A 341 -16.29 1.63 19.30
C GLY A 341 -17.19 0.50 19.73
N ILE A 342 -18.50 0.74 19.61
CA ILE A 342 -19.62 -0.20 19.89
C ILE A 342 -19.29 -1.53 19.21
N GLN A 343 -19.06 -2.60 20.01
CA GLN A 343 -18.98 -4.02 19.55
C GLN A 343 -20.36 -4.68 19.54
N LYS A 344 -20.63 -5.47 18.50
CA LYS A 344 -21.85 -6.29 18.32
C LYS A 344 -21.38 -7.71 17.98
N LYS A 345 -21.83 -8.72 18.72
CA LYS A 345 -21.47 -10.14 18.49
C LYS A 345 -22.76 -10.93 18.16
N ILE A 346 -22.83 -11.51 16.95
CA ILE A 346 -23.88 -12.49 16.57
C ILE A 346 -23.25 -13.88 16.45
N THR A 347 -23.90 -14.92 16.96
CA THR A 347 -23.37 -16.32 16.87
C THR A 347 -24.34 -17.15 16.01
N SER A 348 -23.81 -18.10 15.25
CA SER A 348 -24.57 -19.23 14.63
C SER A 348 -25.69 -18.64 13.76
N ILE A 349 -25.33 -18.03 12.61
CA ILE A 349 -26.32 -17.48 11.65
C ILE A 349 -26.39 -18.43 10.45
N ASN A 350 -27.53 -19.07 10.21
CA ASN A 350 -27.74 -19.96 9.03
C ASN A 350 -28.62 -19.23 7.99
N LEU A 351 -28.28 -19.38 6.72
CA LEU A 351 -29.11 -18.93 5.59
C LEU A 351 -29.11 -20.03 4.54
N SER A 352 -30.24 -20.16 3.89
CA SER A 352 -30.41 -21.06 2.72
C SER A 352 -31.28 -20.32 1.70
N ASN A 353 -30.73 -20.08 0.50
CA ASN A 353 -31.50 -19.45 -0.61
C ASN A 353 -32.20 -18.20 -0.07
N ALA A 354 -31.44 -17.34 0.60
CA ALA A 354 -32.03 -16.17 1.27
C ALA A 354 -30.96 -15.11 1.50
N ILE A 355 -31.46 -13.92 1.76
CA ILE A 355 -30.62 -12.74 2.11
C ILE A 355 -31.10 -12.23 3.46
N GLN A 356 -30.22 -11.56 4.20
CA GLN A 356 -30.57 -11.03 5.54
C GLN A 356 -29.85 -9.69 5.72
N ASP A 357 -30.60 -8.60 5.92
CA ASP A 357 -30.05 -7.27 6.27
C ASP A 357 -29.61 -7.31 7.73
N LEU A 358 -28.30 -7.18 8.03
CA LEU A 358 -27.78 -7.22 9.42
C LEU A 358 -28.05 -5.87 10.12
N GLN A 359 -28.42 -4.83 9.36
CA GLN A 359 -28.76 -3.47 9.86
C GLN A 359 -27.59 -2.96 10.69
N LEU A 360 -26.40 -3.00 10.10
CA LEU A 360 -25.14 -2.51 10.72
C LEU A 360 -24.55 -1.48 9.77
N ASP A 361 -24.20 -0.30 10.27
CA ASP A 361 -23.58 0.81 9.49
C ASP A 361 -22.26 0.33 8.86
N SER A 362 -22.13 0.52 7.55
CA SER A 362 -20.96 0.06 6.78
C SER A 362 -20.17 1.27 6.24
N MET A 363 -20.20 2.42 6.92
CA MET A 363 -19.37 3.60 6.53
C MET A 363 -17.92 3.35 6.96
N GLN A 364 -17.72 2.95 8.21
CA GLN A 364 -16.36 2.77 8.78
C GLN A 364 -16.45 1.73 9.88
N CYS A 365 -16.07 0.50 9.58
CA CYS A 365 -16.30 -0.62 10.52
C CYS A 365 -15.30 -1.74 10.27
N GLU A 366 -15.20 -2.62 11.25
CA GLU A 366 -14.32 -3.80 11.26
C GLU A 366 -15.22 -5.00 11.51
N LEU A 367 -15.01 -6.07 10.74
CA LEU A 367 -15.79 -7.32 10.93
C LEU A 367 -14.81 -8.47 11.10
N ILE A 368 -15.17 -9.44 11.92
CA ILE A 368 -14.56 -10.79 11.89
C ILE A 368 -15.70 -11.78 11.64
N LEU A 369 -15.69 -12.36 10.45
CA LEU A 369 -16.73 -13.29 9.97
C LEU A 369 -16.08 -14.69 9.90
N LYS A 370 -16.55 -15.64 10.72
CA LYS A 370 -16.05 -17.02 10.75
C LYS A 370 -17.10 -17.91 10.10
N ILE A 371 -16.72 -18.52 9.00
CA ILE A 371 -17.64 -19.31 8.13
C ILE A 371 -17.24 -20.77 8.19
N ASP A 372 -18.22 -21.64 8.38
CA ASP A 372 -18.04 -23.12 8.36
C ASP A 372 -18.07 -23.56 6.90
N LEU A 373 -16.91 -23.89 6.33
CA LEU A 373 -16.86 -24.22 4.89
C LEU A 373 -17.54 -25.56 4.63
N THR A 374 -17.42 -26.52 5.53
CA THR A 374 -18.04 -27.86 5.29
C THR A 374 -19.54 -27.66 5.03
N ASN A 375 -20.22 -26.82 5.80
CA ASN A 375 -21.70 -26.73 5.83
C ASN A 375 -22.22 -25.53 5.02
N SER A 376 -21.34 -24.63 4.57
CA SER A 376 -21.65 -23.53 3.64
C SER A 376 -21.40 -24.10 2.25
N ASP A 377 -22.40 -24.80 1.74
CA ASP A 377 -22.28 -25.50 0.43
C ASP A 377 -23.01 -24.71 -0.66
N ALA A 378 -23.57 -23.53 -0.38
CA ALA A 378 -24.21 -22.67 -1.39
C ALA A 378 -23.25 -22.48 -2.58
N GLU A 379 -23.80 -22.34 -3.78
CA GLU A 379 -22.96 -21.98 -4.95
C GLU A 379 -22.25 -20.66 -4.66
N ARG A 380 -22.95 -19.70 -4.08
CA ARG A 380 -22.38 -18.38 -3.68
C ARG A 380 -22.94 -18.04 -2.31
N ALA A 381 -22.07 -17.74 -1.35
CA ALA A 381 -22.50 -17.50 0.04
C ALA A 381 -21.51 -16.56 0.70
N GLY A 382 -22.00 -15.43 1.20
CA GLY A 382 -21.15 -14.55 2.02
C GLY A 382 -21.82 -13.27 2.41
N ILE A 383 -21.07 -12.17 2.30
CA ILE A 383 -21.52 -10.86 2.83
C ILE A 383 -21.52 -9.84 1.71
N ALA A 384 -22.52 -8.96 1.73
CA ALA A 384 -22.62 -7.79 0.84
C ALA A 384 -22.26 -6.57 1.67
N LEU A 385 -21.09 -6.01 1.43
CA LEU A 385 -20.52 -4.91 2.23
C LEU A 385 -20.99 -3.56 1.65
N SER A 386 -21.03 -2.53 2.48
CA SER A 386 -21.25 -1.14 2.02
C SER A 386 -22.43 -1.11 1.05
N ALA A 387 -23.58 -1.61 1.51
CA ALA A 387 -24.69 -1.96 0.61
C ALA A 387 -25.78 -0.89 0.73
N SER A 388 -26.46 -0.58 -0.37
CA SER A 388 -27.70 0.24 -0.31
C SER A 388 -28.78 -0.53 0.45
N PRO A 389 -29.71 0.16 1.15
CA PRO A 389 -30.77 -0.53 1.88
C PRO A 389 -31.64 -1.39 0.95
N ASP A 390 -31.78 -1.03 -0.33
CA ASP A 390 -32.55 -1.86 -1.30
C ASP A 390 -31.70 -3.05 -1.79
N GLY A 391 -30.41 -3.10 -1.45
CA GLY A 391 -29.47 -4.18 -1.83
C GLY A 391 -29.07 -4.18 -3.31
N LYS A 392 -29.46 -3.16 -4.08
CA LYS A 392 -29.14 -3.02 -5.53
C LYS A 392 -27.64 -2.76 -5.71
N GLN A 393 -27.04 -2.09 -4.74
CA GLN A 393 -25.61 -1.70 -4.76
C GLN A 393 -24.94 -2.36 -3.56
N SER A 394 -23.80 -3.03 -3.76
CA SER A 394 -22.99 -3.60 -2.68
C SER A 394 -21.64 -4.08 -3.23
N THR A 395 -20.72 -4.36 -2.32
CA THR A 395 -19.42 -5.01 -2.58
C THR A 395 -19.54 -6.44 -2.06
N LEU A 396 -19.50 -7.42 -2.98
CA LEU A 396 -19.75 -8.83 -2.65
C LEU A 396 -18.45 -9.50 -2.23
N LEU A 397 -18.45 -10.08 -1.04
CA LEU A 397 -17.32 -10.87 -0.53
C LEU A 397 -17.86 -12.24 -0.12
N TYR A 398 -17.55 -13.29 -0.89
CA TYR A 398 -18.25 -14.57 -0.73
C TYR A 398 -17.39 -15.74 -1.15
N VAL A 399 -17.79 -16.90 -0.63
CA VAL A 399 -17.36 -18.23 -1.06
C VAL A 399 -18.10 -18.61 -2.35
N ASP A 400 -17.32 -18.87 -3.39
CA ASP A 400 -17.78 -19.51 -4.63
C ASP A 400 -17.40 -20.98 -4.51
N ASN A 401 -18.38 -21.86 -4.23
CA ASN A 401 -18.11 -23.30 -4.02
C ASN A 401 -17.80 -24.04 -5.33
N GLN A 402 -18.05 -23.44 -6.48
CA GLN A 402 -17.67 -24.06 -7.77
C GLN A 402 -16.19 -23.78 -8.02
N ALA A 403 -15.79 -22.51 -7.94
CA ALA A 403 -14.37 -22.10 -8.07
C ALA A 403 -13.54 -22.58 -6.88
N GLN A 404 -14.18 -22.78 -5.73
CA GLN A 404 -13.53 -23.06 -4.43
C GLN A 404 -12.59 -21.89 -4.15
N ARG A 405 -13.11 -20.68 -4.31
CA ARG A 405 -12.35 -19.43 -4.04
C ARG A 405 -13.21 -18.46 -3.24
N VAL A 406 -12.52 -17.55 -2.55
CA VAL A 406 -13.11 -16.33 -1.98
C VAL A 406 -13.10 -15.27 -3.08
N ILE A 407 -14.25 -14.66 -3.29
CA ILE A 407 -14.46 -13.65 -4.36
C ILE A 407 -14.73 -12.29 -3.70
N LEU A 408 -14.03 -11.25 -4.16
CA LEU A 408 -14.35 -9.84 -3.85
C LEU A 408 -14.75 -9.20 -5.18
N ASP A 409 -16.04 -8.97 -5.38
CA ASP A 409 -16.60 -8.47 -6.65
C ASP A 409 -17.13 -7.04 -6.41
N ARG A 410 -16.56 -6.04 -7.10
CA ARG A 410 -16.99 -4.62 -6.98
C ARG A 410 -17.81 -4.17 -8.20
N THR A 411 -18.36 -5.09 -8.98
CA THR A 411 -19.23 -4.77 -10.14
C THR A 411 -20.38 -3.85 -9.74
N TYR A 412 -21.01 -4.07 -8.58
CA TYR A 412 -22.21 -3.32 -8.16
C TYR A 412 -21.90 -2.41 -6.98
N SER A 413 -20.62 -2.07 -6.78
CA SER A 413 -20.15 -1.34 -5.57
CA SER A 413 -20.17 -1.36 -5.55
C SER A 413 -20.55 0.14 -5.59
N GLY A 414 -20.68 0.70 -6.79
CA GLY A 414 -20.93 2.15 -6.91
C GLY A 414 -20.22 2.69 -8.11
N GLU A 415 -19.55 3.82 -7.96
CA GLU A 415 -18.90 4.49 -9.11
C GLU A 415 -17.62 3.74 -9.44
N GLY A 416 -17.15 3.89 -10.67
CA GLY A 416 -15.82 3.48 -11.09
C GLY A 416 -15.78 2.04 -11.57
N MET A 417 -14.73 1.32 -11.18
CA MET A 417 -14.28 0.06 -11.83
C MET A 417 -15.21 -1.09 -11.45
N VAL A 418 -15.32 -2.09 -12.34
CA VAL A 418 -16.17 -3.30 -12.07
C VAL A 418 -15.25 -4.53 -12.02
N GLY A 419 -15.84 -5.69 -11.70
CA GLY A 419 -15.17 -6.99 -11.77
C GLY A 419 -14.62 -7.44 -10.42
N TYR A 420 -13.97 -8.58 -10.40
CA TYR A 420 -13.63 -9.25 -9.13
C TYR A 420 -12.15 -9.59 -9.05
N ARG A 421 -11.76 -9.83 -7.81
CA ARG A 421 -10.48 -10.45 -7.43
C ARG A 421 -10.80 -11.62 -6.51
N SER A 422 -9.80 -12.42 -6.21
CA SER A 422 -10.06 -13.71 -5.54
C SER A 422 -8.80 -14.29 -4.91
N VAL A 423 -9.03 -15.21 -4.00
CA VAL A 423 -7.99 -16.10 -3.46
C VAL A 423 -8.57 -17.50 -3.38
N ALA A 424 -7.69 -18.47 -3.46
CA ALA A 424 -8.02 -19.88 -3.17
C ALA A 424 -8.58 -19.99 -1.75
N LEU A 425 -9.61 -20.83 -1.55
CA LEU A 425 -10.10 -21.16 -0.18
C LEU A 425 -8.97 -21.82 0.61
N PRO A 426 -8.67 -21.41 1.85
CA PRO A 426 -7.64 -22.10 2.62
C PRO A 426 -8.07 -23.54 2.95
N ALA A 427 -7.07 -24.44 3.10
CA ALA A 427 -7.28 -25.82 3.61
C ALA A 427 -7.48 -25.71 5.13
N ASP A 428 -8.74 -25.61 5.53
CA ASP A 428 -9.18 -25.41 6.93
C ASP A 428 -10.70 -25.65 6.92
N LYS A 429 -11.27 -26.28 7.95
CA LYS A 429 -12.75 -26.42 8.15
C LYS A 429 -13.40 -25.04 8.13
N PHE A 430 -12.72 -24.02 8.65
CA PHE A 430 -13.29 -22.66 8.82
C PHE A 430 -12.50 -21.63 8.01
N LEU A 431 -13.26 -20.69 7.46
CA LEU A 431 -12.73 -19.52 6.76
C LEU A 431 -13.00 -18.33 7.68
N THR A 432 -11.95 -17.61 8.06
CA THR A 432 -12.11 -16.38 8.83
C THR A 432 -11.80 -15.18 7.92
N LEU A 433 -12.75 -14.27 7.80
CA LEU A 433 -12.57 -13.02 7.01
C LEU A 433 -12.50 -11.89 8.03
N HIS A 434 -11.34 -11.26 8.16
CA HIS A 434 -11.11 -10.05 8.99
C HIS A 434 -11.14 -8.85 8.04
N ILE A 435 -12.22 -8.08 8.10
CA ILE A 435 -12.62 -7.10 7.06
C ILE A 435 -12.62 -5.69 7.66
N PHE A 436 -11.92 -4.77 7.02
CA PHE A 436 -11.87 -3.34 7.40
C PHE A 436 -12.53 -2.55 6.28
N ILE A 437 -13.64 -1.87 6.62
CA ILE A 437 -14.41 -1.05 5.66
C ILE A 437 -14.14 0.41 6.04
N ASP A 438 -13.74 1.21 5.06
CA ASP A 438 -13.63 2.67 5.23
C ASP A 438 -14.47 3.31 4.13
N HIS A 439 -14.48 4.63 4.02
CA HIS A 439 -15.47 5.33 3.17
C HIS A 439 -15.29 4.92 1.71
N SER A 440 -14.09 4.51 1.29
CA SER A 440 -13.88 4.12 -0.12
C SER A 440 -12.95 2.91 -0.23
N SER A 441 -12.99 1.97 0.71
CA SER A 441 -12.03 0.83 0.69
C SER A 441 -12.51 -0.39 1.47
N VAL A 442 -12.08 -1.56 1.01
CA VAL A 442 -12.24 -2.86 1.73
C VAL A 442 -10.90 -3.55 1.76
N GLU A 443 -10.49 -3.91 2.96
CA GLU A 443 -9.30 -4.77 3.19
C GLU A 443 -9.75 -6.05 3.90
N VAL A 444 -9.41 -7.19 3.32
CA VAL A 444 -9.73 -8.55 3.86
C VAL A 444 -8.43 -9.27 4.17
N PHE A 445 -8.33 -9.74 5.40
CA PHE A 445 -7.28 -10.64 5.92
C PHE A 445 -7.91 -12.03 6.09
N VAL A 446 -7.41 -13.00 5.35
CA VAL A 446 -7.92 -14.40 5.33
C VAL A 446 -7.18 -15.23 6.37
N ASN A 447 -7.96 -15.87 7.26
CA ASN A 447 -7.45 -16.85 8.25
C ASN A 447 -6.31 -16.23 9.06
N GLU A 448 -5.14 -16.86 9.13
CA GLU A 448 -4.10 -16.38 10.10
C GLU A 448 -3.21 -15.33 9.41
N GLY A 449 -3.63 -14.78 8.25
CA GLY A 449 -2.75 -13.93 7.42
C GLY A 449 -2.24 -14.64 6.18
N GLN A 450 -2.84 -15.76 5.79
CA GLN A 450 -2.40 -16.53 4.60
C GLN A 450 -2.54 -15.72 3.31
N ALA A 451 -3.54 -14.85 3.25
CA ALA A 451 -3.85 -14.04 2.05
C ALA A 451 -4.59 -12.76 2.46
N THR A 452 -4.43 -11.71 1.66
CA THR A 452 -5.16 -10.45 1.81
C THR A 452 -5.75 -10.02 0.45
N LEU A 453 -6.88 -9.35 0.49
CA LEU A 453 -7.53 -8.72 -0.67
C LEU A 453 -7.84 -7.27 -0.34
N THR A 454 -7.34 -6.34 -1.15
CA THR A 454 -7.53 -4.88 -0.90
C THR A 454 -8.09 -4.26 -2.16
N SER A 455 -9.27 -3.69 -2.08
CA SER A 455 -9.95 -3.01 -3.20
C SER A 455 -10.57 -1.69 -2.75
N ARG A 456 -10.45 -0.68 -3.61
CA ARG A 456 -11.24 0.57 -3.51
C ARG A 456 -12.66 0.33 -3.99
N ILE A 457 -13.62 0.96 -3.29
CA ILE A 457 -15.05 0.98 -3.67
C ILE A 457 -15.55 2.41 -3.50
N TYR A 458 -16.58 2.79 -4.25
CA TYR A 458 -17.09 4.19 -4.26
C TYR A 458 -18.60 4.14 -4.15
N PRO A 459 -19.16 3.73 -2.97
CA PRO A 459 -20.61 3.65 -2.80
C PRO A 459 -21.28 5.02 -2.96
N THR A 460 -22.46 5.04 -3.56
CA THR A 460 -23.24 6.28 -3.78
C THR A 460 -24.45 6.35 -2.84
N SER A 461 -24.74 5.28 -2.06
CA SER A 461 -25.91 5.23 -1.15
C SER A 461 -25.69 6.18 0.03
N GLU A 462 -26.75 6.86 0.48
CA GLU A 462 -26.70 7.82 1.61
C GLU A 462 -26.48 7.04 2.92
N LYS A 463 -27.09 5.85 3.04
CA LYS A 463 -26.91 4.89 4.16
C LYS A 463 -26.28 3.62 3.59
N ARG A 464 -25.35 3.02 4.34
CA ARG A 464 -24.60 1.80 3.96
C ARG A 464 -24.81 0.74 5.04
N THR A 465 -25.31 -0.42 4.64
CA THR A 465 -25.58 -1.55 5.55
C THR A 465 -24.77 -2.77 5.09
N LEU A 466 -24.97 -3.87 5.79
CA LEU A 466 -24.41 -5.20 5.47
C LEU A 466 -25.54 -6.20 5.28
N PHE A 467 -25.42 -7.07 4.29
CA PHE A 467 -26.30 -8.25 4.13
C PHE A 467 -25.46 -9.53 4.19
N LEU A 468 -26.04 -10.60 4.73
CA LEU A 468 -25.57 -11.98 4.44
C LEU A 468 -26.43 -12.51 3.30
N PHE A 469 -25.88 -13.41 2.48
CA PHE A 469 -26.63 -14.06 1.38
C PHE A 469 -26.10 -15.48 1.18
N ALA A 470 -27.01 -16.38 0.79
CA ALA A 470 -26.73 -17.75 0.33
C ALA A 470 -27.59 -17.98 -0.91
N GLU A 471 -26.94 -18.35 -2.00
CA GLU A 471 -27.58 -18.71 -3.30
C GLU A 471 -27.33 -20.19 -3.63
N ASN A 472 -28.42 -20.93 -3.92
CA ASN A 472 -28.34 -22.36 -4.32
C ASN A 472 -27.58 -23.14 -3.25
N GLY A 473 -28.06 -23.05 -2.01
CA GLY A 473 -27.60 -23.87 -0.88
C GLY A 473 -27.43 -23.02 0.36
N ALA A 474 -26.58 -23.46 1.27
CA ALA A 474 -26.52 -22.99 2.66
C ALA A 474 -25.28 -22.15 2.89
N LEU A 475 -25.44 -21.21 3.82
CA LEU A 475 -24.35 -20.47 4.49
C LEU A 475 -24.46 -20.78 5.98
N ARG A 476 -23.33 -21.08 6.59
CA ARG A 476 -23.19 -21.28 8.05
C ARG A 476 -22.13 -20.27 8.50
N VAL A 477 -22.59 -19.21 9.17
CA VAL A 477 -21.69 -18.25 9.86
C VAL A 477 -21.57 -18.68 11.33
N GLU A 478 -20.42 -19.19 11.75
CA GLU A 478 -20.25 -19.61 13.16
C GLU A 478 -20.25 -18.37 14.06
N GLN A 479 -19.61 -17.29 13.64
CA GLN A 479 -19.56 -16.07 14.49
C GLN A 479 -19.30 -14.86 13.59
N LEU A 480 -20.00 -13.77 13.92
CA LEU A 480 -19.79 -12.44 13.32
C LEU A 480 -19.53 -11.45 14.45
N ASP A 481 -18.35 -10.84 14.45
CA ASP A 481 -17.99 -9.70 15.33
C ASP A 481 -17.93 -8.44 14.47
N TYR A 482 -18.55 -7.37 14.95
CA TYR A 482 -18.63 -6.06 14.27
C TYR A 482 -18.19 -4.97 15.25
N TRP A 483 -17.37 -4.04 14.79
CA TRP A 483 -17.11 -2.80 15.55
C TRP A 483 -17.27 -1.62 14.63
N GLN A 484 -17.93 -0.57 15.12
CA GLN A 484 -17.76 0.76 14.49
C GLN A 484 -16.31 1.19 14.69
N ILE A 485 -15.76 1.91 13.72
CA ILE A 485 -14.35 2.36 13.78
C ILE A 485 -14.32 3.89 13.81
N LYS A 486 -13.63 4.43 14.82
CA LYS A 486 -13.57 5.88 15.07
C LYS A 486 -12.69 6.54 14.01
N ASN A 487 -12.98 7.81 13.71
CA ASN A 487 -12.05 8.66 12.91
CA ASN A 487 -12.09 8.74 12.97
C ASN A 487 -10.72 8.74 13.67
N MET A 488 -9.63 8.46 12.95
CA MET A 488 -8.29 8.46 13.56
C MET A 488 -7.84 9.88 13.93
N ARG A 489 -8.45 10.89 13.33
CA ARG A 489 -7.97 12.28 13.43
C ARG A 489 -8.67 13.02 14.57
N GLY A 490 -9.73 12.40 15.12
CA GLY A 490 -10.58 12.95 16.19
C GLY A 490 -12.00 13.16 15.70
C1 PEG B . 28.48 -0.08 -12.92
O1 PEG B . 28.96 0.96 -12.08
C2 PEG B . 27.84 -1.17 -12.13
O2 PEG B . 26.69 -1.67 -12.82
C3 PEG B . 26.95 -2.77 -13.67
C4 PEG B . 25.94 -3.82 -13.41
O4 PEG B . 25.49 -4.45 -14.59
C1 PGE C . -31.55 -7.62 -5.20
O1 PGE C . -31.18 -6.71 -6.23
C2 PGE C . -31.84 -6.92 -3.90
O2 PGE C . -31.57 -7.79 -2.79
C3 PGE C . -30.38 -7.49 -2.06
C4 PGE C . -29.64 -8.78 -1.71
O4 PGE C . -26.43 -10.45 -3.68
C6 PGE C . -26.83 -9.27 -3.02
C5 PGE C . -27.38 -9.53 -1.66
O3 PGE C . -28.31 -8.49 -1.31
#